data_3QDW
#
_entry.id   3QDW
#
_cell.length_a   123.818
_cell.length_b   123.818
_cell.length_c   104.322
_cell.angle_alpha   90.00
_cell.angle_beta   90.00
_cell.angle_gamma   120.00
#
_symmetry.space_group_name_H-M   'P 61 2 2'
#
loop_
_entity.id
_entity.type
_entity.pdbx_description
1 polymer 'BOLETUS EDULIS LECTIN'
2 non-polymer 2-acetamido-2-deoxy-alpha-D-galactopyranose
3 non-polymer 2-acetamido-2-deoxy-alpha-D-glucopyranose
4 water water
#
_entity_poly.entity_id   1
_entity_poly.type   'polypeptide(L)'
_entity_poly.pdbx_seq_one_letter_code
;(ACE)TYSITLRVFQRNPGRGFFSIVEKTVFHYANGGTWSEAKGTHTLTMGGSGTSGVLRFMSDKGELITVAVGVHNYKR
WCDVVTGLKPEETALVINPQYYNNGPRAYTREKQLAEYNVTSVVGTRFEVKYTVVEGNNLEANVIFS
;
_entity_poly.pdbx_strand_id   A,B
#
loop_
_chem_comp.id
_chem_comp.type
_chem_comp.name
_chem_comp.formula
A2G D-saccharide, alpha linking 2-acetamido-2-deoxy-alpha-D-galactopyranose 'C8 H15 N O6'
ACE non-polymer 'ACETYL GROUP' 'C2 H4 O'
NDG D-saccharide, alpha linking 2-acetamido-2-deoxy-alpha-D-glucopyranose 'C8 H15 N O6'
#
# COMPACT_ATOMS: atom_id res chain seq x y z
C ACE A 1 -10.78 15.74 -14.45
O ACE A 1 -10.34 15.25 -15.48
CH3 ACE A 1 -12.22 16.25 -14.37
N THR A 2 -10.55 15.21 -13.25
CA THR A 2 -9.45 14.28 -13.03
C THR A 2 -9.82 12.87 -13.48
N TYR A 3 -8.81 12.09 -13.87
CA TYR A 3 -9.00 10.68 -14.23
C TYR A 3 -8.11 9.81 -13.35
N SER A 4 -8.57 8.60 -13.05
CA SER A 4 -7.73 7.64 -12.35
C SER A 4 -7.81 6.27 -13.02
N ILE A 5 -6.70 5.54 -12.98
CA ILE A 5 -6.64 4.19 -13.51
C ILE A 5 -6.10 3.26 -12.42
N THR A 6 -6.90 2.27 -12.03
CA THR A 6 -6.50 1.37 -10.95
C THR A 6 -6.16 -0.02 -11.49
N LEU A 7 -4.98 -0.51 -11.14
CA LEU A 7 -4.46 -1.76 -11.72
C LEU A 7 -4.34 -2.87 -10.68
N ARG A 8 -4.80 -4.07 -11.05
CA ARG A 8 -4.60 -5.27 -10.24
C ARG A 8 -3.63 -6.16 -11.00
N VAL A 9 -2.55 -6.60 -10.34
CA VAL A 9 -1.53 -7.40 -11.00
C VAL A 9 -1.69 -8.90 -10.70
N PHE A 10 -1.94 -9.68 -11.74
CA PHE A 10 -2.05 -11.13 -11.62
C PHE A 10 -0.84 -11.81 -12.25
N GLN A 11 -0.18 -12.69 -11.50
CA GLN A 11 0.93 -13.46 -12.06
C GLN A 11 0.58 -14.94 -12.06
N ARG A 12 0.53 -15.52 -13.25
CA ARG A 12 -0.10 -16.83 -13.45
C ARG A 12 0.81 -18.04 -13.44
N ASN A 13 2.08 -17.85 -13.80
CA ASN A 13 2.97 -18.97 -14.08
C ASN A 13 4.35 -18.83 -13.45
N PRO A 14 4.58 -19.54 -12.32
CA PRO A 14 5.86 -19.48 -11.64
C PRO A 14 7.04 -19.83 -12.55
N GLY A 15 6.77 -20.55 -13.64
CA GLY A 15 7.82 -20.89 -14.59
C GLY A 15 8.42 -19.68 -15.28
N ARG A 16 7.66 -18.58 -15.32
CA ARG A 16 8.12 -17.34 -15.96
C ARG A 16 8.92 -16.48 -14.99
N GLY A 17 9.10 -16.97 -13.77
CA GLY A 17 9.72 -16.17 -12.72
C GLY A 17 8.68 -15.28 -12.07
N PHE A 18 9.13 -14.42 -11.16
CA PHE A 18 8.23 -13.56 -10.41
C PHE A 18 8.61 -12.10 -10.61
N PHE A 19 7.65 -11.28 -11.01
CA PHE A 19 7.91 -9.88 -11.33
C PHE A 19 7.61 -8.94 -10.17
N SER A 20 8.42 -7.90 -10.03
CA SER A 20 8.13 -6.84 -9.08
C SER A 20 8.40 -5.48 -9.72
N ILE A 21 7.74 -4.46 -9.21
CA ILE A 21 7.87 -3.12 -9.78
C ILE A 21 9.25 -2.53 -9.48
N VAL A 22 9.89 -1.95 -10.51
CA VAL A 22 11.22 -1.36 -10.33
C VAL A 22 11.26 0.13 -10.68
N GLU A 23 10.13 0.67 -11.13
CA GLU A 23 10.09 2.06 -11.55
C GLU A 23 8.64 2.45 -11.81
N LYS A 24 8.30 3.70 -11.55
CA LYS A 24 6.95 4.21 -11.82
C LYS A 24 7.07 5.67 -12.26
N THR A 25 6.67 5.97 -13.49
CA THR A 25 6.79 7.33 -14.02
C THR A 25 5.43 7.94 -14.34
N VAL A 26 5.38 9.27 -14.39
CA VAL A 26 4.17 9.99 -14.79
C VAL A 26 4.54 11.07 -15.81
N PHE A 27 3.81 11.14 -16.92
CA PHE A 27 4.08 12.15 -17.94
C PHE A 27 3.51 13.50 -17.49
N HIS A 28 4.05 14.59 -18.05
CA HIS A 28 3.80 15.93 -17.53
C HIS A 28 2.58 16.66 -18.11
N TYR A 29 1.92 16.07 -19.11
CA TYR A 29 0.71 16.68 -19.68
C TYR A 29 -0.45 16.66 -18.69
N ALA A 30 -1.50 17.39 -19.01
CA ALA A 30 -2.73 17.38 -18.22
C ALA A 30 -2.49 17.56 -16.72
N ASN A 31 -1.50 18.39 -16.39
CA ASN A 31 -1.22 18.75 -15.00
C ASN A 31 -0.61 17.60 -14.23
N GLY A 32 0.03 16.67 -14.93
CA GLY A 32 0.74 15.58 -14.28
C GLY A 32 -0.18 14.56 -13.62
N GLY A 33 0.32 13.93 -12.56
CA GLY A 33 -0.41 12.86 -11.88
C GLY A 33 0.49 12.15 -10.90
N THR A 34 -0.05 11.17 -10.19
CA THR A 34 0.68 10.53 -9.12
C THR A 34 0.28 9.06 -9.03
N TRP A 35 1.26 8.20 -8.72
CA TRP A 35 0.97 6.80 -8.42
C TRP A 35 0.71 6.64 -6.93
N SER A 36 -0.20 5.74 -6.59
CA SER A 36 -0.40 5.39 -5.19
C SER A 36 -0.72 3.90 -5.10
N GLU A 37 -0.58 3.34 -3.90
CA GLU A 37 -0.88 1.92 -3.69
C GLU A 37 -1.94 1.79 -2.60
N ALA A 38 -2.88 0.89 -2.80
CA ALA A 38 -3.89 0.58 -1.78
C ALA A 38 -4.37 -0.84 -1.97
N LYS A 39 -4.39 -1.61 -0.88
CA LYS A 39 -4.91 -2.98 -0.93
C LYS A 39 -4.28 -3.80 -2.05
N GLY A 40 -2.98 -3.64 -2.23
CA GLY A 40 -2.24 -4.42 -3.22
C GLY A 40 -2.44 -3.96 -4.65
N THR A 41 -3.20 -2.89 -4.84
CA THR A 41 -3.44 -2.36 -6.19
C THR A 41 -2.61 -1.11 -6.42
N HIS A 42 -2.52 -0.69 -7.68
CA HIS A 42 -1.77 0.52 -8.03
C HIS A 42 -2.68 1.46 -8.81
N THR A 43 -2.80 2.69 -8.32
CA THR A 43 -3.67 3.66 -8.98
C THR A 43 -2.87 4.83 -9.52
N LEU A 44 -3.10 5.16 -10.79
CA LEU A 44 -2.54 6.37 -11.39
C LEU A 44 -3.63 7.42 -11.44
N THR A 45 -3.42 8.52 -10.72
CA THR A 45 -4.35 9.65 -10.70
C THR A 45 -3.77 10.77 -11.54
N MET A 46 -4.56 11.28 -12.48
CA MET A 46 -4.10 12.30 -13.43
C MET A 46 -4.97 13.55 -13.37
N GLY A 47 -4.36 14.70 -13.64
CA GLY A 47 -5.06 15.98 -13.54
C GLY A 47 -6.17 16.17 -14.57
N GLY A 48 -6.14 15.38 -15.62
CA GLY A 48 -7.14 15.46 -16.67
C GLY A 48 -6.84 14.45 -17.76
N SER A 49 -7.58 14.53 -18.87
CA SER A 49 -7.30 13.69 -20.02
C SER A 49 -6.04 14.19 -20.73
N GLY A 50 -5.23 13.27 -21.22
CA GLY A 50 -4.10 13.62 -22.07
C GLY A 50 -2.73 13.27 -21.54
N THR A 51 -2.67 12.54 -20.43
CA THR A 51 -1.38 12.08 -19.93
C THR A 51 -1.39 10.59 -19.61
N SER A 52 -0.34 10.11 -18.97
CA SER A 52 -0.18 8.67 -18.74
C SER A 52 0.93 8.40 -17.74
N GLY A 53 1.13 7.12 -17.45
CA GLY A 53 2.21 6.68 -16.56
C GLY A 53 2.68 5.30 -16.93
N VAL A 54 3.86 4.93 -16.46
CA VAL A 54 4.47 3.65 -16.80
C VAL A 54 4.99 2.94 -15.57
N LEU A 55 4.64 1.66 -15.43
CA LEU A 55 5.25 0.79 -14.44
C LEU A 55 6.25 -0.12 -15.15
N ARG A 56 7.48 -0.16 -14.68
CA ARG A 56 8.45 -1.13 -15.18
C ARG A 56 8.60 -2.25 -14.17
N PHE A 57 8.60 -3.49 -14.67
CA PHE A 57 8.72 -4.66 -13.81
C PHE A 57 10.00 -5.42 -14.18
N MET A 58 10.60 -6.06 -13.20
CA MET A 58 11.70 -6.98 -13.43
C MET A 58 11.35 -8.31 -12.77
N SER A 59 11.58 -9.41 -13.47
CA SER A 59 11.35 -10.72 -12.88
C SER A 59 12.63 -11.17 -12.16
N ASP A 60 12.50 -12.10 -11.23
CA ASP A 60 13.68 -12.64 -10.55
C ASP A 60 14.50 -13.51 -11.49
N LYS A 61 14.12 -13.54 -12.76
CA LYS A 61 14.93 -14.17 -13.80
C LYS A 61 15.64 -13.13 -14.67
N GLY A 62 15.38 -11.85 -14.39
CA GLY A 62 16.06 -10.76 -15.08
C GLY A 62 15.30 -10.14 -16.25
N GLU A 63 14.08 -10.59 -16.50
CA GLU A 63 13.30 -10.05 -17.60
C GLU A 63 12.77 -8.65 -17.28
N LEU A 64 12.86 -7.74 -18.24
CA LEU A 64 12.42 -6.36 -18.03
C LEU A 64 11.29 -5.96 -18.98
N ILE A 65 10.18 -5.49 -18.43
CA ILE A 65 9.01 -5.15 -19.24
C ILE A 65 8.31 -3.91 -18.68
N THR A 66 7.69 -3.12 -19.55
CA THR A 66 6.92 -1.96 -19.10
C THR A 66 5.44 -2.04 -19.41
N VAL A 67 4.63 -1.47 -18.52
CA VAL A 67 3.20 -1.37 -18.72
C VAL A 67 2.83 0.11 -18.72
N ALA A 68 2.24 0.58 -19.82
CA ALA A 68 1.83 1.98 -19.93
C ALA A 68 0.31 2.07 -19.90
N VAL A 69 -0.21 3.02 -19.13
CA VAL A 69 -1.63 3.27 -19.11
C VAL A 69 -1.88 4.78 -19.07
N GLY A 70 -2.93 5.24 -19.73
CA GLY A 70 -3.25 6.65 -19.74
C GLY A 70 -4.62 6.94 -20.29
N VAL A 71 -4.93 8.22 -20.47
CA VAL A 71 -6.17 8.64 -21.10
C VAL A 71 -5.85 9.59 -22.25
N HIS A 72 -6.35 9.25 -23.44
CA HIS A 72 -6.13 10.07 -24.63
C HIS A 72 -7.47 10.51 -25.22
N ASN A 73 -7.69 11.81 -25.25
CA ASN A 73 -8.96 12.36 -25.73
C ASN A 73 -10.16 11.70 -25.05
N TYR A 74 -10.05 11.50 -23.75
CA TYR A 74 -11.17 11.04 -22.92
C TYR A 74 -11.46 9.54 -23.00
N LYS A 75 -10.57 8.80 -23.66
CA LYS A 75 -10.69 7.35 -23.72
C LYS A 75 -9.40 6.69 -23.21
N ARG A 76 -9.55 5.60 -22.45
CA ARG A 76 -8.37 4.92 -21.91
C ARG A 76 -7.48 4.33 -22.99
N TRP A 77 -6.19 4.20 -22.70
CA TRP A 77 -5.28 3.48 -23.57
C TRP A 77 -4.28 2.66 -22.79
N CYS A 78 -3.61 1.73 -23.45
CA CYS A 78 -2.60 0.92 -22.78
C CYS A 78 -1.61 0.34 -23.77
N ASP A 79 -0.47 -0.09 -23.25
CA ASP A 79 0.57 -0.70 -24.06
C ASP A 79 1.49 -1.52 -23.17
N VAL A 80 2.14 -2.50 -23.77
CA VAL A 80 3.15 -3.28 -23.05
C VAL A 80 4.39 -3.39 -23.91
N VAL A 81 5.55 -3.11 -23.32
CA VAL A 81 6.80 -3.26 -24.04
C VAL A 81 7.68 -4.29 -23.34
N THR A 82 8.11 -5.31 -24.08
CA THR A 82 8.94 -6.36 -23.51
C THR A 82 10.34 -6.38 -24.10
N GLY A 83 11.17 -7.30 -23.62
CA GLY A 83 12.52 -7.46 -24.16
C GLY A 83 13.35 -6.20 -24.03
N LEU A 84 13.19 -5.50 -22.91
CA LEU A 84 13.90 -4.26 -22.67
C LEU A 84 15.33 -4.51 -22.20
N LYS A 85 16.24 -3.66 -22.64
CA LYS A 85 17.60 -3.67 -22.14
C LYS A 85 17.60 -2.91 -20.82
N PRO A 86 18.61 -3.15 -19.98
CA PRO A 86 18.69 -2.46 -18.70
C PRO A 86 18.68 -0.94 -18.82
N GLU A 87 19.26 -0.39 -19.90
CA GLU A 87 19.32 1.06 -20.03
C GLU A 87 17.99 1.66 -20.50
N GLU A 88 17.09 0.82 -20.98
CA GLU A 88 15.75 1.26 -21.40
C GLU A 88 14.81 1.36 -20.19
N THR A 89 15.00 2.39 -19.38
CA THR A 89 14.19 2.59 -18.18
C THR A 89 12.82 3.18 -18.53
N ALA A 90 11.88 3.14 -17.59
CA ALA A 90 10.57 3.73 -17.82
C ALA A 90 10.71 5.23 -18.11
N LEU A 91 11.78 5.82 -17.58
CA LEU A 91 12.07 7.23 -17.84
C LEU A 91 12.32 7.48 -19.34
N VAL A 92 12.91 6.50 -20.00
CA VAL A 92 13.08 6.54 -21.46
C VAL A 92 11.78 6.22 -22.19
N ILE A 93 11.06 5.20 -21.72
CA ILE A 93 9.87 4.70 -22.39
C ILE A 93 8.66 5.65 -22.38
N ASN A 94 8.33 6.19 -21.22
CA ASN A 94 7.12 7.01 -21.10
C ASN A 94 7.03 8.16 -22.12
N PRO A 95 8.12 8.94 -22.28
CA PRO A 95 8.09 10.07 -23.22
C PRO A 95 7.91 9.64 -24.68
N GLN A 96 8.20 8.37 -24.97
CA GLN A 96 8.14 7.90 -26.35
C GLN A 96 6.72 7.77 -26.87
N TYR A 97 5.74 7.97 -26.00
CA TYR A 97 4.34 7.93 -26.42
C TYR A 97 3.85 9.30 -26.86
N TYR A 98 4.73 10.30 -26.77
CA TYR A 98 4.37 11.68 -27.08
C TYR A 98 5.37 12.36 -28.02
N ASN A 99 5.04 13.58 -28.43
CA ASN A 99 5.91 14.36 -29.30
C ASN A 99 6.36 13.59 -30.54
N ASN A 100 5.42 12.85 -31.14
CA ASN A 100 5.70 12.10 -32.35
C ASN A 100 6.70 10.95 -32.14
N GLY A 101 6.81 10.51 -30.89
CA GLY A 101 7.71 9.41 -30.56
C GLY A 101 7.26 8.09 -31.15
N PRO A 102 8.13 7.06 -31.07
CA PRO A 102 7.93 5.75 -31.70
C PRO A 102 6.86 4.88 -31.07
N ARG A 103 6.23 5.32 -29.97
CA ARG A 103 5.16 4.55 -29.35
C ARG A 103 3.84 5.29 -29.39
N ALA A 104 3.87 6.53 -29.89
CA ALA A 104 2.66 7.34 -29.94
C ALA A 104 1.50 6.61 -30.61
N TYR A 105 1.80 5.76 -31.59
CA TYR A 105 0.75 5.06 -32.32
C TYR A 105 -0.10 4.16 -31.45
N THR A 106 0.51 3.61 -30.40
CA THR A 106 -0.24 2.77 -29.46
C THR A 106 -1.20 3.61 -28.62
N ARG A 107 -0.72 4.76 -28.13
CA ARG A 107 -1.59 5.65 -27.40
C ARG A 107 -2.80 6.01 -28.29
N GLU A 108 -2.55 6.26 -29.56
CA GLU A 108 -3.61 6.67 -30.47
C GLU A 108 -4.68 5.61 -30.70
N LYS A 109 -4.30 4.34 -30.51
CA LYS A 109 -5.25 3.23 -30.65
C LYS A 109 -6.31 3.24 -29.54
N GLN A 110 -6.00 3.83 -28.40
CA GLN A 110 -6.96 3.89 -27.29
C GLN A 110 -7.49 2.49 -26.94
N LEU A 111 -6.58 1.53 -26.77
CA LEU A 111 -7.00 0.15 -26.53
C LEU A 111 -7.54 -0.08 -25.12
N ALA A 112 -8.63 -0.84 -25.03
CA ALA A 112 -9.17 -1.27 -23.75
C ALA A 112 -8.54 -2.60 -23.35
N GLU A 113 -7.79 -3.19 -24.29
CA GLU A 113 -7.12 -4.46 -24.04
C GLU A 113 -5.93 -4.63 -24.98
N TYR A 114 -4.80 -5.07 -24.43
CA TYR A 114 -3.63 -5.36 -25.26
C TYR A 114 -2.89 -6.54 -24.69
N ASN A 115 -2.40 -7.42 -25.57
CA ASN A 115 -1.58 -8.51 -25.12
C ASN A 115 -0.42 -8.78 -26.08
N VAL A 116 0.69 -9.22 -25.52
CA VAL A 116 1.88 -9.50 -26.32
C VAL A 116 2.68 -10.56 -25.58
N THR A 117 3.43 -11.36 -26.33
CA THR A 117 4.34 -12.33 -25.71
C THR A 117 5.78 -11.94 -26.00
N SER A 118 6.58 -11.79 -24.96
CA SER A 118 7.97 -11.42 -25.12
C SER A 118 8.73 -12.49 -25.91
N VAL A 119 9.85 -12.11 -26.50
CA VAL A 119 10.62 -13.05 -27.32
C VAL A 119 11.08 -14.24 -26.49
N VAL A 120 11.28 -14.04 -25.19
CA VAL A 120 11.71 -15.13 -24.32
C VAL A 120 10.54 -16.00 -23.85
N GLY A 121 9.32 -15.62 -24.22
CA GLY A 121 8.16 -16.48 -24.03
C GLY A 121 7.26 -16.17 -22.85
N THR A 122 7.27 -14.93 -22.38
CA THR A 122 6.38 -14.52 -21.30
C THR A 122 5.20 -13.72 -21.84
N ARG A 123 3.99 -14.20 -21.55
CA ARG A 123 2.78 -13.51 -22.00
C ARG A 123 2.42 -12.36 -21.08
N PHE A 124 2.01 -11.24 -21.67
CA PHE A 124 1.58 -10.10 -20.88
C PHE A 124 0.28 -9.56 -21.45
N GLU A 125 -0.64 -9.19 -20.55
CA GLU A 125 -1.91 -8.63 -20.98
C GLU A 125 -2.36 -7.50 -20.06
N VAL A 126 -2.83 -6.42 -20.67
CA VAL A 126 -3.55 -5.38 -19.94
C VAL A 126 -4.99 -5.40 -20.41
N LYS A 127 -5.91 -5.58 -19.47
CA LYS A 127 -7.32 -5.69 -19.81
C LYS A 127 -8.16 -4.79 -18.91
N TYR A 128 -8.72 -3.72 -19.46
CA TYR A 128 -9.58 -2.85 -18.68
C TYR A 128 -10.90 -3.56 -18.36
N THR A 129 -11.29 -3.50 -17.10
CA THR A 129 -12.53 -4.13 -16.64
C THR A 129 -13.60 -3.06 -16.47
N VAL A 130 -13.16 -1.82 -16.27
CA VAL A 130 -14.04 -0.67 -16.35
C VAL A 130 -13.43 0.25 -17.43
N VAL A 131 -14.17 0.44 -18.51
CA VAL A 131 -13.61 0.99 -19.74
C VAL A 131 -14.08 2.41 -20.07
N GLU A 132 -15.01 2.93 -19.27
CA GLU A 132 -15.56 4.25 -19.50
C GLU A 132 -15.60 5.06 -18.22
N GLY A 133 -15.65 6.39 -18.37
CA GLY A 133 -15.75 7.26 -17.21
C GLY A 133 -14.40 7.68 -16.64
N ASN A 134 -14.44 8.36 -15.51
CA ASN A 134 -13.23 8.92 -14.92
C ASN A 134 -12.53 8.00 -13.93
N ASN A 135 -13.19 6.90 -13.58
CA ASN A 135 -12.62 5.94 -12.63
C ASN A 135 -12.38 4.59 -13.29
N LEU A 136 -11.27 4.47 -14.01
CA LEU A 136 -11.00 3.29 -14.83
C LEU A 136 -10.31 2.18 -14.05
N GLU A 137 -10.53 0.94 -14.48
CA GLU A 137 -9.98 -0.22 -13.78
C GLU A 137 -9.44 -1.21 -14.80
N ALA A 138 -8.29 -1.81 -14.51
CA ALA A 138 -7.73 -2.80 -15.42
C ALA A 138 -6.92 -3.86 -14.69
N ASN A 139 -6.91 -5.05 -15.26
CA ASN A 139 -6.06 -6.11 -14.77
C ASN A 139 -4.79 -6.18 -15.61
N VAL A 140 -3.67 -6.42 -14.95
CA VAL A 140 -2.40 -6.67 -15.63
C VAL A 140 -2.01 -8.11 -15.34
N ILE A 141 -1.90 -8.91 -16.39
CA ILE A 141 -1.70 -10.35 -16.22
C ILE A 141 -0.41 -10.84 -16.85
N PHE A 142 0.48 -11.40 -16.02
CA PHE A 142 1.73 -11.98 -16.51
C PHE A 142 1.57 -13.47 -16.60
N SER A 143 2.06 -14.08 -17.68
CA SER A 143 1.87 -15.52 -17.85
C SER A 143 2.90 -16.21 -18.73
C ACE B 1 -20.32 -0.42 12.21
O ACE B 1 -19.88 -0.59 13.34
CH3 ACE B 1 -21.77 0.07 12.01
N THR B 2 -19.57 -0.55 11.12
CA THR B 2 -18.15 -0.87 11.25
C THR B 2 -17.36 0.34 11.73
N TYR B 3 -16.13 0.08 12.19
CA TYR B 3 -15.24 1.14 12.65
C TYR B 3 -13.91 0.96 11.92
N SER B 4 -13.26 2.07 11.59
CA SER B 4 -11.91 1.98 11.06
C SER B 4 -10.98 2.91 11.81
N ILE B 5 -9.72 2.49 11.92
CA ILE B 5 -8.69 3.31 12.53
C ILE B 5 -7.54 3.38 11.53
N THR B 6 -7.22 4.59 11.09
CA THR B 6 -6.13 4.79 10.14
C THR B 6 -4.93 5.42 10.81
N LEU B 7 -3.77 4.79 10.64
CA LEU B 7 -2.54 5.19 11.33
C LEU B 7 -1.49 5.75 10.37
N ARG B 8 -0.89 6.87 10.74
CA ARG B 8 0.24 7.43 10.01
C ARG B 8 1.47 7.28 10.91
N VAL B 9 2.54 6.68 10.39
CA VAL B 9 3.71 6.40 11.20
C VAL B 9 4.84 7.41 10.98
N PHE B 10 5.17 8.14 12.04
CA PHE B 10 6.23 9.16 11.99
C PHE B 10 7.43 8.67 12.80
N GLN B 11 8.61 8.68 12.18
CA GLN B 11 9.84 8.30 12.88
C GLN B 11 10.78 9.50 12.92
N ARG B 12 11.06 9.98 14.13
CA ARG B 12 11.69 11.29 14.30
C ARG B 12 13.22 11.28 14.48
N ASN B 13 13.78 10.16 14.91
CA ASN B 13 15.16 10.16 15.35
C ASN B 13 15.94 8.96 14.82
N PRO B 14 16.70 9.18 13.74
CA PRO B 14 17.46 8.10 13.10
C PRO B 14 18.39 7.38 14.06
N GLY B 15 18.84 8.07 15.10
CA GLY B 15 19.71 7.46 16.11
C GLY B 15 19.06 6.32 16.87
N ARG B 16 17.73 6.24 16.83
CA ARG B 16 17.03 5.14 17.50
C ARG B 16 16.91 3.93 16.57
N GLY B 17 17.41 4.09 15.34
CA GLY B 17 17.23 3.07 14.32
C GLY B 17 15.94 3.27 13.56
N PHE B 18 15.73 2.45 12.54
CA PHE B 18 14.54 2.55 11.70
C PHE B 18 13.64 1.36 11.94
N PHE B 19 12.37 1.64 12.25
CA PHE B 19 11.41 0.60 12.57
C PHE B 19 10.59 0.18 11.35
N SER B 20 10.35 -1.12 11.21
CA SER B 20 9.44 -1.60 10.20
C SER B 20 8.47 -2.61 10.82
N ILE B 21 7.31 -2.76 10.19
CA ILE B 21 6.29 -3.67 10.72
C ILE B 21 6.68 -5.13 10.48
N VAL B 22 6.58 -5.95 11.51
CA VAL B 22 6.95 -7.37 11.42
C VAL B 22 5.77 -8.31 11.69
N GLU B 23 4.62 -7.75 12.04
CA GLU B 23 3.45 -8.56 12.38
C GLU B 23 2.23 -7.66 12.48
N LYS B 24 1.06 -8.17 12.08
CA LYS B 24 -0.19 -7.41 12.22
C LYS B 24 -1.29 -8.38 12.62
N THR B 25 -1.82 -8.24 13.83
CA THR B 25 -2.88 -9.14 14.27
C THR B 25 -4.23 -8.44 14.35
N VAL B 26 -5.30 -9.23 14.30
CA VAL B 26 -6.65 -8.69 14.53
C VAL B 26 -7.35 -9.60 15.53
N PHE B 27 -7.89 -9.01 16.59
CA PHE B 27 -8.62 -9.81 17.58
C PHE B 27 -9.99 -10.21 17.04
N HIS B 28 -10.57 -11.26 17.61
CA HIS B 28 -11.70 -11.93 16.97
C HIS B 28 -13.11 -11.52 17.40
N TYR B 29 -13.22 -10.50 18.25
CA TYR B 29 -14.53 -9.96 18.63
C TYR B 29 -15.09 -9.02 17.57
N ALA B 30 -16.35 -8.64 17.73
CA ALA B 30 -16.99 -7.68 16.85
C ALA B 30 -16.88 -8.07 15.37
N ASN B 31 -16.95 -9.38 15.12
CA ASN B 31 -16.90 -9.92 13.77
C ASN B 31 -15.55 -9.73 13.07
N GLY B 32 -14.49 -9.62 13.87
CA GLY B 32 -13.14 -9.50 13.35
C GLY B 32 -12.87 -8.18 12.63
N GLY B 33 -11.98 -8.24 11.64
CA GLY B 33 -11.52 -7.04 10.98
C GLY B 33 -10.28 -7.36 10.16
N THR B 34 -9.76 -6.35 9.48
CA THR B 34 -8.69 -6.57 8.51
C THR B 34 -7.77 -5.36 8.47
N TRP B 35 -6.47 -5.61 8.32
CA TRP B 35 -5.52 -4.53 8.07
C TRP B 35 -5.37 -4.29 6.57
N SER B 36 -5.26 -3.03 6.18
CA SER B 36 -4.95 -2.69 4.79
C SER B 36 -3.94 -1.54 4.76
N GLU B 37 -3.28 -1.37 3.63
CA GLU B 37 -2.35 -0.26 3.47
C GLU B 37 -2.79 0.61 2.31
N ALA B 38 -2.72 1.91 2.46
CA ALA B 38 -3.03 2.84 1.38
C ALA B 38 -2.21 4.12 1.56
N LYS B 39 -1.53 4.53 0.50
CA LYS B 39 -0.76 5.77 0.54
C LYS B 39 0.13 5.86 1.77
N GLY B 40 0.81 4.77 2.09
CA GLY B 40 1.76 4.75 3.20
C GLY B 40 1.15 4.72 4.59
N THR B 41 -0.17 4.63 4.66
CA THR B 41 -0.86 4.56 5.94
C THR B 41 -1.38 3.16 6.18
N HIS B 42 -1.76 2.88 7.42
CA HIS B 42 -2.28 1.56 7.78
C HIS B 42 -3.67 1.68 8.38
N THR B 43 -4.63 0.95 7.82
CA THR B 43 -6.00 1.02 8.32
C THR B 43 -6.47 -0.31 8.88
N LEU B 44 -6.98 -0.27 10.12
CA LEU B 44 -7.66 -1.43 10.69
C LEU B 44 -9.16 -1.21 10.56
N THR B 45 -9.80 -2.05 9.76
CA THR B 45 -11.25 -2.00 9.61
C THR B 45 -11.86 -3.11 10.45
N MET B 46 -12.83 -2.75 11.29
CA MET B 46 -13.45 -3.69 12.21
C MET B 46 -14.96 -3.79 12.00
N GLY B 47 -15.51 -4.97 12.26
CA GLY B 47 -16.92 -5.23 11.98
C GLY B 47 -17.86 -4.53 12.93
N GLY B 48 -17.30 -3.88 13.95
CA GLY B 48 -18.10 -3.15 14.92
C GLY B 48 -17.23 -2.74 16.09
N SER B 49 -17.86 -2.24 17.14
CA SER B 49 -17.15 -1.89 18.36
C SER B 49 -16.88 -3.15 19.15
N GLY B 50 -15.68 -3.24 19.73
CA GLY B 50 -15.38 -4.32 20.66
C GLY B 50 -14.17 -5.16 20.29
N THR B 51 -13.43 -4.73 19.27
CA THR B 51 -12.22 -5.45 18.92
C THR B 51 -11.02 -4.53 18.70
N SER B 52 -9.92 -5.09 18.22
CA SER B 52 -8.67 -4.34 18.13
C SER B 52 -7.70 -5.07 17.23
N GLY B 53 -6.54 -4.45 17.00
CA GLY B 53 -5.47 -5.08 16.27
C GLY B 53 -4.16 -4.56 16.81
N VAL B 54 -3.09 -5.29 16.51
CA VAL B 54 -1.76 -4.90 16.97
C VAL B 54 -0.78 -4.92 15.81
N LEU B 55 0.01 -3.85 15.71
CA LEU B 55 1.17 -3.84 14.82
C LEU B 55 2.40 -4.04 15.68
N ARG B 56 3.22 -5.03 15.35
CA ARG B 56 4.52 -5.15 16.00
C ARG B 56 5.58 -4.59 15.07
N PHE B 57 6.48 -3.80 15.64
CA PHE B 57 7.56 -3.14 14.88
C PHE B 57 8.90 -3.65 15.37
N MET B 58 9.85 -3.78 14.46
CA MET B 58 11.23 -4.07 14.84
C MET B 58 12.15 -3.03 14.21
N SER B 59 13.07 -2.49 14.99
CA SER B 59 14.03 -1.53 14.44
C SER B 59 15.21 -2.30 13.87
N ASP B 60 15.98 -1.66 13.01
CA ASP B 60 17.15 -2.31 12.43
C ASP B 60 18.27 -2.42 13.45
N LYS B 61 17.99 -1.98 14.68
CA LYS B 61 18.91 -2.19 15.79
C LYS B 61 18.42 -3.34 16.68
N GLY B 62 17.26 -3.89 16.35
CA GLY B 62 16.75 -5.07 17.03
C GLY B 62 15.66 -4.82 18.06
N GLU B 63 15.27 -3.56 18.26
CA GLU B 63 14.26 -3.25 19.27
C GLU B 63 12.86 -3.70 18.83
N LEU B 64 12.11 -4.28 19.76
CA LEU B 64 10.78 -4.82 19.45
C LEU B 64 9.71 -4.14 20.29
N ILE B 65 8.70 -3.62 19.63
CA ILE B 65 7.61 -2.89 20.30
C ILE B 65 6.28 -3.14 19.61
N THR B 66 5.19 -3.10 20.39
CA THR B 66 3.85 -3.24 19.81
C THR B 66 3.00 -2.01 20.00
N VAL B 67 2.20 -1.69 18.99
CA VAL B 67 1.17 -0.66 19.07
C VAL B 67 -0.18 -1.32 18.95
N ALA B 68 -1.05 -1.11 19.95
CA ALA B 68 -2.39 -1.67 19.93
C ALA B 68 -3.42 -0.55 19.77
N VAL B 69 -4.37 -0.74 18.85
CA VAL B 69 -5.48 0.20 18.68
C VAL B 69 -6.79 -0.57 18.54
N GLY B 70 -7.89 0.03 18.98
CA GLY B 70 -9.18 -0.63 18.88
C GLY B 70 -10.31 0.27 19.33
N VAL B 71 -11.52 -0.29 19.39
CA VAL B 71 -12.68 0.42 19.87
C VAL B 71 -13.33 -0.41 20.98
N HIS B 72 -13.54 0.21 22.13
CA HIS B 72 -14.17 -0.45 23.27
C HIS B 72 -15.38 0.36 23.70
N ASN B 73 -16.55 -0.27 23.68
CA ASN B 73 -17.80 0.44 23.96
C ASN B 73 -17.90 1.77 23.21
N TYR B 74 -17.61 1.72 21.92
CA TYR B 74 -17.80 2.84 21.00
C TYR B 74 -16.83 4.00 21.21
N LYS B 75 -15.76 3.76 21.95
CA LYS B 75 -14.71 4.76 22.12
C LYS B 75 -13.36 4.15 21.76
N ARG B 76 -12.51 4.93 21.09
CA ARG B 76 -11.20 4.42 20.68
C ARG B 76 -10.31 4.14 21.88
N TRP B 77 -9.42 3.17 21.74
CA TRP B 77 -8.38 2.94 22.75
C TRP B 77 -7.04 2.68 22.07
N CYS B 78 -5.97 2.76 22.86
CA CYS B 78 -4.63 2.46 22.36
C CYS B 78 -3.69 2.12 23.51
N ASP B 79 -2.59 1.45 23.17
CA ASP B 79 -1.53 1.14 24.12
C ASP B 79 -0.25 0.87 23.36
N VAL B 80 0.87 1.01 24.05
CA VAL B 80 2.17 0.66 23.48
C VAL B 80 2.94 -0.17 24.48
N VAL B 81 3.45 -1.31 24.03
CA VAL B 81 4.32 -2.12 24.88
C VAL B 81 5.72 -2.15 24.28
N THR B 82 6.72 -1.85 25.09
CA THR B 82 8.11 -1.84 24.64
C THR B 82 8.90 -2.91 25.37
N GLY B 83 10.18 -3.03 25.03
CA GLY B 83 11.06 -3.98 25.71
C GLY B 83 10.65 -5.42 25.53
N LEU B 84 10.06 -5.72 24.38
CA LEU B 84 9.56 -7.08 24.13
C LEU B 84 10.70 -8.04 23.82
N LYS B 85 10.57 -9.26 24.30
CA LYS B 85 11.48 -10.33 23.93
C LYS B 85 11.05 -10.89 22.57
N PRO B 86 11.94 -11.61 21.88
CA PRO B 86 11.61 -12.13 20.56
C PRO B 86 10.42 -13.07 20.56
N GLU B 87 10.22 -13.82 21.64
CA GLU B 87 9.08 -14.73 21.75
C GLU B 87 7.76 -14.03 22.05
N GLU B 88 7.81 -12.77 22.47
CA GLU B 88 6.59 -12.03 22.77
C GLU B 88 6.02 -11.39 21.51
N THR B 89 5.47 -12.23 20.65
CA THR B 89 4.95 -11.77 19.36
C THR B 89 3.62 -11.03 19.54
N ALA B 90 3.15 -10.37 18.48
CA ALA B 90 1.85 -9.68 18.55
C ALA B 90 0.75 -10.71 18.83
N LEU B 91 0.96 -11.93 18.36
CA LEU B 91 -0.02 -12.98 18.60
C LEU B 91 -0.15 -13.30 20.09
N VAL B 92 0.92 -13.08 20.84
CA VAL B 92 0.89 -13.24 22.30
C VAL B 92 0.28 -11.99 22.94
N ILE B 93 0.69 -10.83 22.45
CA ILE B 93 0.30 -9.55 23.06
C ILE B 93 -1.18 -9.18 22.85
N ASN B 94 -1.70 -9.33 21.64
CA ASN B 94 -3.07 -8.87 21.38
C ASN B 94 -4.13 -9.47 22.32
N PRO B 95 -4.05 -10.78 22.61
CA PRO B 95 -5.05 -11.38 23.50
C PRO B 95 -4.93 -10.95 24.96
N GLN B 96 -3.78 -10.41 25.35
CA GLN B 96 -3.56 -9.99 26.74
C GLN B 96 -4.41 -8.78 27.11
N TYR B 97 -5.05 -8.15 26.12
CA TYR B 97 -5.96 -7.04 26.37
C TYR B 97 -7.38 -7.49 26.70
N TYR B 98 -7.62 -8.80 26.62
CA TYR B 98 -8.96 -9.35 26.90
C TYR B 98 -8.92 -10.41 28.01
N ASN B 99 -10.09 -10.88 28.45
CA ASN B 99 -10.18 -12.02 29.40
C ASN B 99 -9.31 -12.06 30.66
N ASN B 100 -9.28 -11.00 31.46
CA ASN B 100 -8.44 -11.06 32.65
C ASN B 100 -6.95 -11.05 32.31
N GLY B 101 -6.63 -10.82 31.05
CA GLY B 101 -5.23 -10.66 30.64
C GLY B 101 -4.62 -9.47 31.35
N PRO B 102 -3.29 -9.43 31.43
CA PRO B 102 -2.58 -8.41 32.20
C PRO B 102 -2.61 -7.00 31.58
N ARG B 103 -3.15 -6.86 30.37
CA ARG B 103 -3.24 -5.56 29.71
C ARG B 103 -4.68 -5.07 29.54
N ALA B 104 -5.65 -5.83 30.02
CA ALA B 104 -7.05 -5.45 29.84
C ALA B 104 -7.34 -4.04 30.34
N TYR B 105 -6.69 -3.65 31.43
CA TYR B 105 -6.94 -2.35 32.05
C TYR B 105 -6.64 -1.19 31.09
N THR B 106 -5.69 -1.39 30.18
CA THR B 106 -5.37 -0.32 29.23
C THR B 106 -6.50 -0.12 28.21
N ARG B 107 -7.09 -1.22 27.74
CA ARG B 107 -8.24 -1.12 26.84
C ARG B 107 -9.39 -0.37 27.51
N GLU B 108 -9.62 -0.65 28.78
CA GLU B 108 -10.74 -0.06 29.51
C GLU B 108 -10.61 1.46 29.64
N LYS B 109 -9.38 1.97 29.58
CA LYS B 109 -9.14 3.40 29.71
C LYS B 109 -9.60 4.22 28.51
N GLN B 110 -9.78 3.56 27.36
CA GLN B 110 -10.27 4.25 26.17
C GLN B 110 -9.48 5.53 25.88
N LEU B 111 -8.15 5.42 25.87
CA LEU B 111 -7.29 6.58 25.68
C LEU B 111 -7.30 7.10 24.25
N ALA B 112 -7.39 8.42 24.11
CA ALA B 112 -7.26 9.07 22.80
C ALA B 112 -5.80 9.40 22.52
N GLU B 113 -4.94 9.18 23.51
CA GLU B 113 -3.52 9.44 23.39
C GLU B 113 -2.75 8.62 24.43
N TYR B 114 -1.62 8.07 24.03
CA TYR B 114 -0.75 7.34 24.96
C TYR B 114 0.71 7.51 24.57
N ASN B 115 1.57 7.71 25.57
CA ASN B 115 3.01 7.73 25.29
C ASN B 115 3.83 7.02 26.35
N VAL B 116 4.97 6.47 25.94
CA VAL B 116 5.81 5.70 26.84
C VAL B 116 7.22 5.70 26.26
N THR B 117 8.22 5.66 27.12
CA THR B 117 9.59 5.52 26.66
C THR B 117 10.13 4.15 27.05
N SER B 118 10.72 3.45 26.09
CA SER B 118 11.28 2.12 26.34
C SER B 118 12.49 2.21 27.28
N VAL B 119 12.82 1.09 27.94
CA VAL B 119 13.97 1.05 28.82
C VAL B 119 15.26 1.37 28.04
N VAL B 120 15.30 1.00 26.76
CA VAL B 120 16.49 1.31 25.95
C VAL B 120 16.48 2.72 25.36
N GLY B 121 15.48 3.52 25.73
CA GLY B 121 15.49 4.95 25.44
C GLY B 121 14.68 5.45 24.25
N THR B 122 13.81 4.62 23.70
CA THR B 122 13.01 5.03 22.54
C THR B 122 11.62 5.49 22.96
N ARG B 123 11.30 6.74 22.60
CA ARG B 123 9.97 7.28 22.89
C ARG B 123 8.94 6.82 21.85
N PHE B 124 7.73 6.53 22.31
CA PHE B 124 6.66 6.13 21.43
C PHE B 124 5.38 6.84 21.84
N GLU B 125 4.62 7.31 20.86
CA GLU B 125 3.34 7.95 21.14
C GLU B 125 2.28 7.54 20.12
N VAL B 126 1.08 7.28 20.60
CA VAL B 126 -0.09 7.15 19.75
C VAL B 126 -1.00 8.33 20.07
N LYS B 127 -1.34 9.13 19.06
CA LYS B 127 -2.18 10.28 19.29
C LYS B 127 -3.28 10.35 18.24
N TYR B 128 -4.52 10.14 18.67
CA TYR B 128 -5.65 10.21 17.76
C TYR B 128 -5.88 11.66 17.33
N THR B 129 -6.02 11.87 16.03
CA THR B 129 -6.25 13.20 15.48
C THR B 129 -7.72 13.37 15.14
N VAL B 130 -8.40 12.24 14.96
CA VAL B 130 -9.86 12.20 14.88
C VAL B 130 -10.29 11.21 15.96
N VAL B 131 -11.01 11.70 16.96
CA VAL B 131 -11.19 10.95 18.20
C VAL B 131 -12.61 10.44 18.41
N GLU B 132 -13.51 10.82 17.50
CA GLU B 132 -14.91 10.44 17.63
C GLU B 132 -15.40 9.90 16.29
N GLY B 133 -16.52 9.17 16.31
CA GLY B 133 -17.10 8.65 15.09
C GLY B 133 -16.56 7.29 14.68
N ASN B 134 -16.96 6.84 13.51
CA ASN B 134 -16.60 5.50 13.03
C ASN B 134 -15.35 5.46 12.18
N ASN B 135 -14.86 6.64 11.81
CA ASN B 135 -13.69 6.75 10.96
C ASN B 135 -12.57 7.46 11.71
N LEU B 136 -11.88 6.72 12.57
CA LEU B 136 -10.89 7.28 13.47
C LEU B 136 -9.51 7.39 12.82
N GLU B 137 -8.71 8.35 13.28
CA GLU B 137 -7.38 8.61 12.72
C GLU B 137 -6.38 8.83 13.85
N ALA B 138 -5.18 8.33 13.70
CA ALA B 138 -4.14 8.53 14.71
C ALA B 138 -2.75 8.59 14.10
N ASN B 139 -1.87 9.35 14.74
CA ASN B 139 -0.46 9.37 14.39
C ASN B 139 0.30 8.47 15.36
N VAL B 140 1.19 7.64 14.84
CA VAL B 140 2.08 6.84 15.67
C VAL B 140 3.47 7.44 15.51
N ILE B 141 4.06 7.88 16.61
CA ILE B 141 5.31 8.64 16.57
C ILE B 141 6.42 7.95 17.34
N PHE B 142 7.48 7.58 16.64
CA PHE B 142 8.67 6.99 17.27
C PHE B 142 9.71 8.08 17.42
N SER B 143 10.29 8.23 18.61
CA SER B 143 11.22 9.33 18.82
C SER B 143 12.39 9.01 19.74
O5 A2G C . -3.14 14.20 -27.16
C1 A2G C . -4.38 14.87 -26.85
O1 A2G C . -4.50 16.03 -27.67
C2 A2G C . -4.40 15.27 -25.37
N2 A2G C . -5.64 16.00 -25.05
C3 A2G C . -3.19 16.14 -25.02
O3 A2G C . -3.13 16.36 -23.61
C4 A2G C . -1.90 15.47 -25.50
O4 A2G C . -1.66 14.30 -24.72
C5 A2G C . -2.03 15.09 -26.98
C6 A2G C . -0.73 14.44 -27.45
O6 A2G C . -0.84 14.11 -28.84
C7 A2G C . -6.64 15.41 -24.39
O7 A2G C . -6.63 14.24 -24.04
C8 A2G C . -7.84 16.32 -24.10
C1 NDG D . 7.24 -3.17 -29.18
C2 NDG D . 6.41 -4.14 -28.34
C3 NDG D . 4.91 -3.89 -28.51
C4 NDG D . 4.59 -2.42 -28.30
C5 NDG D . 5.51 -1.57 -29.20
C6 NDG D . 5.24 -0.08 -29.04
C7 NDG D . 7.14 -6.40 -27.85
C8 NDG D . 7.39 -7.80 -28.33
O5 NDG D . 6.86 -1.84 -28.90
O3 NDG D . 4.18 -4.69 -27.61
O4 NDG D . 3.24 -2.19 -28.60
O6 NDG D . 5.58 0.36 -27.74
O7 NDG D . 7.33 -6.12 -26.66
N2 NDG D . 6.70 -5.51 -28.73
O1 NDG D . 6.98 -3.45 -30.53
O5 A2G E . -15.94 -5.64 25.71
C1 A2G E . -17.02 -4.84 25.15
O1 A2G E . -18.23 -5.11 25.85
C2 A2G E . -17.23 -5.04 23.63
N2 A2G E . -18.49 -4.42 23.18
C3 A2G E . -17.22 -6.52 23.26
O3 A2G E . -17.15 -6.65 21.84
C4 A2G E . -16.01 -7.19 23.88
O4 A2G E . -14.81 -6.54 23.41
C5 A2G E . -16.07 -7.04 25.40
C6 A2G E . -14.89 -7.82 25.97
O6 A2G E . -14.76 -7.52 27.36
C7 A2G E . -18.49 -3.23 22.55
O7 A2G E . -17.48 -2.56 22.35
C8 A2G E . -19.87 -2.74 22.08
C1 NDG F . 4.09 -2.23 29.53
C2 NDG F . 4.36 -0.81 29.01
C3 NDG F . 3.18 0.14 29.11
C4 NDG F . 1.86 -0.58 28.86
C5 NDG F . 1.70 -1.72 29.85
C6 NDG F . 0.38 -2.45 29.63
C7 NDG F . 6.66 -0.07 28.81
C8 NDG F . 7.87 0.57 29.44
O5 NDG F . 2.75 -2.66 29.75
O3 NDG F . 3.34 1.13 28.12
O4 NDG F . 0.78 0.31 29.04
O6 NDG F . 0.38 -3.10 28.37
O7 NDG F . 6.71 -0.45 27.64
N2 NDG F . 5.57 -0.23 29.59
O1 NDG F . 4.93 -2.53 30.61
#